data_7BHR
#
_entry.id   7BHR
#
_cell.length_a   67.454
_cell.length_b   94.211
_cell.length_c   117.297
_cell.angle_alpha   90.000
_cell.angle_beta   90.000
_cell.angle_gamma   90.000
#
_symmetry.space_group_name_H-M   'I 2 2 2'
#
loop_
_entity.id
_entity.type
_entity.pdbx_description
1 polymer 'S-adenosylmethionine synthase isoform type-2'
2 non-polymer 4-(dimethylamino)-6-ethoxy-1~{H}-1,3,5-triazin-2-one
3 non-polymer S-ADENOSYLMETHIONINE
4 water water
#
_entity_poly.entity_id   1
_entity_poly.type   'polypeptide(L)'
_entity_poly.pdbx_seq_one_letter_code
;QSMNGQLNGFHEAFIEEGTFLFTSESVGEGHPDKICDQISDAVLDAHLQQDPDAKVACETVAKTGMILLAGEITSRAAVD
YQKVVREAVKHIGYDDSSKGFDYKTCNVLVALEQQSPDIAQGVHLDRNEEDIGAGDQGLMFGYATDETEECMPLTIVLAH
KLNAKLAELRRNGTLPWLRPDSKTQVTVQYMQDRGAVLPIRVHTIVISVQHDEEVCLDEMRDALKEKVIKAVVPAKYLDE
DTIYHLQPSGRFVIGGPQGDAGLTGRKIIVDTYGGWGAHGGGAFSGKDYTKVDRSAAYAARWVAKSLVKGGLCRRVLVQV
SYAIGVSHPLSISIFHYGTSQKSERELLEIVKKNFDLRPGVIVRDLDLKKPIYQRTAAYGHFGRDSFPWEVPKKLKY
;
_entity_poly.pdbx_strand_id   A
#
# COMPACT_ATOMS: atom_id res chain seq x y z
N GLY A 18 2.43 -31.39 -2.75
CA GLY A 18 2.75 -30.05 -3.25
C GLY A 18 1.98 -28.92 -2.60
N THR A 19 1.14 -29.23 -1.58
CA THR A 19 0.38 -28.15 -0.93
C THR A 19 1.15 -27.44 0.13
N PHE A 20 0.82 -26.15 0.34
CA PHE A 20 1.47 -25.38 1.37
C PHE A 20 0.54 -24.28 1.82
N LEU A 21 0.87 -23.68 2.95
CA LEU A 21 0.10 -22.57 3.49
C LEU A 21 0.85 -21.26 3.25
N PHE A 22 0.08 -20.17 3.08
CA PHE A 22 0.72 -18.85 3.02
C PHE A 22 -0.23 -17.89 3.66
N THR A 23 0.32 -16.96 4.42
CA THR A 23 -0.49 -15.99 5.17
C THR A 23 -0.13 -14.56 4.78
N SER A 24 -1.16 -13.71 4.65
CA SER A 24 -0.99 -12.27 4.47
C SER A 24 -1.93 -11.54 5.39
N GLU A 25 -1.56 -10.30 5.74
CA GLU A 25 -2.45 -9.45 6.54
C GLU A 25 -2.77 -8.15 5.85
N SER A 26 -3.80 -7.49 6.39
CA SER A 26 -4.16 -6.15 5.98
C SER A 26 -4.66 -5.39 7.21
N VAL A 27 -4.74 -4.06 7.11
CA VAL A 27 -5.28 -3.28 8.22
C VAL A 27 -6.27 -2.27 7.71
N GLY A 28 -7.12 -1.80 8.62
CA GLY A 28 -8.13 -0.81 8.27
C GLY A 28 -7.61 0.62 8.25
N GLU A 29 -8.48 1.51 7.78
CA GLU A 29 -8.16 2.92 7.66
C GLU A 29 -7.81 3.56 9.00
N GLY A 30 -8.37 3.05 10.08
CA GLY A 30 -8.10 3.62 11.39
C GLY A 30 -7.01 2.95 12.16
N HIS A 31 -6.30 1.96 11.53
CA HIS A 31 -5.13 1.41 12.16
C HIS A 31 -4.12 2.58 12.28
N PRO A 32 -3.44 2.77 13.42
CA PRO A 32 -2.66 4.01 13.58
C PRO A 32 -1.54 4.22 12.57
N ASP A 33 -0.89 3.12 12.11
CA ASP A 33 0.13 3.26 11.07
C ASP A 33 -0.52 3.74 9.79
N LYS A 34 -1.66 3.13 9.46
CA LYS A 34 -2.38 3.54 8.28
C LYS A 34 -2.93 4.97 8.34
N ILE A 35 -3.35 5.42 9.53
CA ILE A 35 -3.76 6.83 9.66
C ILE A 35 -2.60 7.72 9.21
N CYS A 36 -1.38 7.37 9.68
CA CYS A 36 -0.21 8.14 9.31
C CYS A 36 0.07 8.17 7.82
N ASP A 37 -0.05 7.00 7.17
CA ASP A 37 0.14 6.96 5.71
C ASP A 37 -0.87 7.84 4.98
N GLN A 38 -2.15 7.76 5.42
CA GLN A 38 -3.18 8.54 4.78
C GLN A 38 -2.96 10.06 4.98
N ILE A 39 -2.55 10.47 6.21
CA ILE A 39 -2.29 11.88 6.45
C ILE A 39 -1.09 12.36 5.61
N SER A 40 -0.01 11.56 5.61
CA SER A 40 1.16 11.92 4.79
C SER A 40 0.77 12.14 3.34
N ASP A 41 -0.08 11.26 2.79
CA ASP A 41 -0.52 11.41 1.41
C ASP A 41 -1.54 12.52 1.20
N ALA A 42 -2.35 12.83 2.24
CA ALA A 42 -3.25 13.99 2.15
C ALA A 42 -2.37 15.29 2.03
N VAL A 43 -1.28 15.33 2.81
CA VAL A 43 -0.35 16.47 2.75
C VAL A 43 0.28 16.56 1.36
N LEU A 44 0.80 15.42 0.85
CA LEU A 44 1.37 15.39 -0.49
C LEU A 44 0.38 15.90 -1.56
N ASP A 45 -0.87 15.35 -1.51
CA ASP A 45 -1.86 15.75 -2.49
C ASP A 45 -2.18 17.25 -2.35
N ALA A 46 -2.24 17.78 -1.12
CA ALA A 46 -2.55 19.21 -0.93
C ALA A 46 -1.48 20.07 -1.59
N HIS A 47 -0.21 19.65 -1.48
CA HIS A 47 0.85 20.35 -2.15
C HIS A 47 0.76 20.24 -3.67
N LEU A 48 0.54 19.02 -4.19
CA LEU A 48 0.48 18.79 -5.63
C LEU A 48 -0.67 19.50 -6.31
N GLN A 49 -1.77 19.71 -5.58
CA GLN A 49 -2.92 20.44 -6.15
C GLN A 49 -2.54 21.85 -6.56
N GLN A 50 -1.57 22.46 -5.86
CA GLN A 50 -1.12 23.83 -6.13
C GLN A 50 0.21 23.89 -6.85
N ASP A 51 1.13 22.96 -6.55
CA ASP A 51 2.46 22.95 -7.14
C ASP A 51 2.77 21.51 -7.58
N PRO A 52 2.57 21.19 -8.90
CA PRO A 52 2.85 19.83 -9.37
C PRO A 52 4.28 19.37 -9.16
N ASP A 53 5.23 20.31 -8.98
CA ASP A 53 6.64 20.04 -8.78
C ASP A 53 7.07 20.11 -7.32
N ALA A 54 6.10 20.09 -6.38
CA ALA A 54 6.46 20.09 -4.95
C ALA A 54 7.40 18.93 -4.61
N LYS A 55 8.40 19.22 -3.74
CA LYS A 55 9.32 18.20 -3.23
C LYS A 55 8.84 17.92 -1.82
N VAL A 56 8.31 16.71 -1.61
CA VAL A 56 7.64 16.36 -0.35
C VAL A 56 8.21 15.11 0.26
N ALA A 57 8.52 15.17 1.57
CA ALA A 57 8.97 14.01 2.33
C ALA A 57 8.33 14.16 3.71
N CYS A 58 7.03 13.88 3.79
CA CYS A 58 6.22 14.14 4.99
C CYS A 58 5.99 12.91 5.80
N GLU A 59 6.60 12.79 6.98
CA GLU A 59 6.35 11.70 7.88
C GLU A 59 5.27 12.15 8.88
N THR A 60 4.41 11.22 9.26
CA THR A 60 3.39 11.46 10.26
C THR A 60 3.59 10.50 11.42
N VAL A 61 3.37 10.99 12.66
CA VAL A 61 3.41 10.19 13.87
C VAL A 61 2.09 10.41 14.58
N ALA A 62 1.48 9.32 15.05
CA ALA A 62 0.20 9.42 15.77
C ALA A 62 0.28 8.71 17.09
N LYS A 63 -0.17 9.37 18.16
CA LYS A 63 -0.27 8.73 19.45
C LYS A 63 -1.49 9.41 20.12
N THR A 64 -1.89 8.99 21.30
CA THR A 64 -3.06 9.59 21.97
C THR A 64 -3.11 11.09 21.77
N GLY A 65 -4.17 11.58 21.15
CA GLY A 65 -4.43 13.02 21.00
C GLY A 65 -3.48 13.78 20.12
N MET A 66 -2.54 13.11 19.42
CA MET A 66 -1.53 13.84 18.66
C MET A 66 -1.33 13.33 17.25
N ILE A 67 -1.24 14.25 16.31
CA ILE A 67 -0.68 14.04 14.98
C ILE A 67 0.50 14.98 14.90
N LEU A 68 1.70 14.44 14.65
CA LEU A 68 2.88 15.25 14.42
C LEU A 68 3.33 15.02 12.98
N LEU A 69 3.58 16.09 12.26
CA LEU A 69 4.17 16.05 10.92
C LEU A 69 5.66 16.40 11.05
N ALA A 70 6.52 15.59 10.48
CA ALA A 70 7.95 15.84 10.53
C ALA A 70 8.54 15.51 9.16
N GLY A 71 9.46 16.32 8.68
CA GLY A 71 10.05 16.06 7.39
C GLY A 71 10.41 17.32 6.67
N GLU A 72 10.49 17.19 5.35
CA GLU A 72 11.04 18.22 4.49
C GLU A 72 10.16 18.44 3.29
N ILE A 73 9.76 19.67 3.11
CA ILE A 73 8.91 20.08 1.99
C ILE A 73 9.42 21.38 1.42
N THR A 74 9.65 21.42 0.09
CA THR A 74 9.96 22.64 -0.63
C THR A 74 8.92 22.73 -1.74
N SER A 75 8.06 23.73 -1.62
CA SER A 75 6.91 23.85 -2.47
C SER A 75 6.44 25.29 -2.54
N ARG A 76 5.81 25.64 -3.64
CA ARG A 76 5.20 26.96 -3.83
C ARG A 76 3.77 26.97 -3.29
N ALA A 77 3.24 25.82 -2.85
CA ALA A 77 1.87 25.76 -2.34
C ALA A 77 1.73 26.43 -0.96
N ALA A 78 0.53 26.92 -0.67
CA ALA A 78 0.17 27.46 0.64
C ALA A 78 -0.80 26.44 1.24
N VAL A 79 -0.27 25.58 2.13
CA VAL A 79 -1.06 24.48 2.70
C VAL A 79 -1.39 24.72 4.16
N ASP A 80 -2.68 24.56 4.51
CA ASP A 80 -3.12 24.71 5.88
C ASP A 80 -3.04 23.32 6.50
N TYR A 81 -1.92 23.02 7.18
CA TYR A 81 -1.68 21.69 7.75
C TYR A 81 -2.73 21.29 8.78
N GLN A 82 -3.19 22.23 9.60
CA GLN A 82 -4.19 21.91 10.59
C GLN A 82 -5.44 21.38 9.90
N LYS A 83 -5.92 22.09 8.85
CA LYS A 83 -7.12 21.70 8.12
C LYS A 83 -6.96 20.38 7.37
N VAL A 84 -5.83 20.19 6.69
CA VAL A 84 -5.59 18.98 5.91
C VAL A 84 -5.57 17.77 6.83
N VAL A 85 -4.84 17.85 7.94
CA VAL A 85 -4.74 16.73 8.88
C VAL A 85 -6.12 16.40 9.45
N ARG A 86 -6.84 17.43 9.95
CA ARG A 86 -8.12 17.19 10.58
C ARG A 86 -9.13 16.62 9.62
N GLU A 87 -9.14 17.09 8.38
CA GLU A 87 -10.06 16.54 7.40
C GLU A 87 -9.76 15.05 7.12
N ALA A 88 -8.48 14.65 7.09
CA ALA A 88 -8.14 13.26 6.84
C ALA A 88 -8.61 12.39 7.99
N VAL A 89 -8.41 12.85 9.23
CA VAL A 89 -8.87 12.11 10.40
C VAL A 89 -10.41 11.99 10.43
N LYS A 90 -11.11 13.07 10.06
CA LYS A 90 -12.56 13.04 9.96
C LYS A 90 -13.00 11.95 8.96
N HIS A 91 -12.36 11.92 7.80
CA HIS A 91 -12.71 10.93 6.77
C HIS A 91 -12.58 9.50 7.30
N ILE A 92 -11.53 9.25 8.05
CA ILE A 92 -11.26 7.93 8.63
C ILE A 92 -12.35 7.54 9.60
N GLY A 93 -12.91 8.52 10.31
CA GLY A 93 -14.01 8.26 11.22
C GLY A 93 -13.74 8.51 12.68
N TYR A 94 -12.58 9.12 13.01
CA TYR A 94 -12.27 9.45 14.42
C TYR A 94 -12.80 10.83 14.71
N ASP A 95 -14.03 10.89 15.23
CA ASP A 95 -14.77 12.14 15.39
C ASP A 95 -15.38 12.31 16.77
N ASP A 96 -14.87 11.59 17.79
CA ASP A 96 -15.42 11.71 19.13
C ASP A 96 -14.51 11.08 20.13
N SER A 97 -14.39 11.72 21.29
CA SER A 97 -13.52 11.17 22.33
C SER A 97 -13.96 9.78 22.77
N SER A 98 -15.24 9.42 22.57
CA SER A 98 -15.67 8.07 22.92
C SER A 98 -14.98 7.00 22.07
N LYS A 99 -14.52 7.36 20.85
CA LYS A 99 -13.84 6.48 19.93
C LYS A 99 -12.34 6.44 20.16
N GLY A 100 -11.86 7.29 21.07
CA GLY A 100 -10.46 7.33 21.46
C GLY A 100 -9.65 8.39 20.74
N PHE A 101 -10.25 9.08 19.75
CA PHE A 101 -9.57 10.08 18.94
C PHE A 101 -10.60 10.93 18.26
N ASP A 102 -10.32 12.24 18.14
CA ASP A 102 -11.26 13.16 17.56
C ASP A 102 -10.56 14.21 16.74
N TYR A 103 -10.85 14.27 15.42
CA TYR A 103 -10.24 15.25 14.55
C TYR A 103 -10.49 16.69 15.02
N LYS A 104 -11.62 16.95 15.68
CA LYS A 104 -11.94 18.32 16.05
C LYS A 104 -11.04 18.85 17.17
N THR A 105 -10.57 17.95 18.04
CA THR A 105 -9.92 18.37 19.30
C THR A 105 -8.53 17.81 19.51
N CYS A 106 -8.00 17.02 18.58
CA CYS A 106 -6.64 16.51 18.75
C CYS A 106 -5.62 17.64 18.56
N ASN A 107 -4.40 17.36 19.02
CA ASN A 107 -3.24 18.24 18.83
C ASN A 107 -2.63 17.92 17.48
N VAL A 108 -2.38 18.93 16.69
CA VAL A 108 -1.63 18.82 15.42
C VAL A 108 -0.37 19.67 15.62
N LEU A 109 0.79 19.01 15.54
CA LEU A 109 2.12 19.62 15.71
C LEU A 109 2.84 19.53 14.39
N VAL A 110 3.56 20.57 13.99
CA VAL A 110 4.25 20.57 12.72
C VAL A 110 5.75 20.87 12.92
N ALA A 111 6.64 19.98 12.43
CA ALA A 111 8.10 20.12 12.46
C ALA A 111 8.60 19.91 11.04
N LEU A 112 8.19 20.78 10.14
CA LEU A 112 8.50 20.65 8.70
C LEU A 112 9.46 21.73 8.29
N GLU A 113 10.52 21.34 7.63
CA GLU A 113 11.52 22.29 7.14
C GLU A 113 11.66 22.15 5.63
N GLN A 114 12.43 22.98 5.00
CA GLN A 114 12.68 22.84 3.56
C GLN A 114 13.51 21.59 3.28
N GLN A 115 13.44 21.10 2.05
CA GLN A 115 14.34 20.05 1.63
C GLN A 115 15.78 20.52 1.76
N SER A 116 16.66 19.61 2.23
CA SER A 116 18.08 19.91 2.30
C SER A 116 18.58 20.47 0.96
N PRO A 117 19.28 21.62 0.95
CA PRO A 117 19.80 22.13 -0.32
C PRO A 117 20.87 21.20 -0.90
N ASP A 118 21.54 20.41 -0.04
CA ASP A 118 22.53 19.46 -0.55
C ASP A 118 21.85 18.37 -1.36
N ILE A 119 20.68 17.90 -0.91
CA ILE A 119 19.94 16.92 -1.69
C ILE A 119 19.42 17.58 -2.97
N ALA A 120 18.81 18.77 -2.84
CA ALA A 120 18.23 19.42 -4.01
C ALA A 120 19.24 19.62 -5.11
N GLN A 121 20.43 20.13 -4.78
CA GLN A 121 21.45 20.35 -5.80
C GLN A 121 21.94 19.06 -6.47
N GLY A 122 21.95 17.96 -5.71
CA GLY A 122 22.42 16.68 -6.23
C GLY A 122 21.39 15.89 -6.98
N VAL A 123 20.11 16.22 -6.80
CA VAL A 123 19.04 15.46 -7.41
C VAL A 123 18.38 16.14 -8.58
N HIS A 124 17.93 17.39 -8.37
CA HIS A 124 17.05 17.99 -9.37
C HIS A 124 17.36 19.42 -9.80
N LEU A 125 18.09 20.17 -9.00
CA LEU A 125 18.35 21.56 -9.40
C LEU A 125 19.14 21.61 -10.69
N ASP A 126 18.66 22.44 -11.64
CA ASP A 126 19.28 22.65 -12.95
C ASP A 126 19.31 21.39 -13.81
N ARG A 127 18.41 20.46 -13.56
CA ARG A 127 18.38 19.24 -14.36
C ARG A 127 17.16 19.22 -15.24
N ASN A 128 17.35 18.72 -16.46
CA ASN A 128 16.26 18.51 -17.39
C ASN A 128 15.33 17.45 -16.74
N GLU A 129 14.01 17.64 -16.77
CA GLU A 129 13.15 16.71 -16.03
C GLU A 129 13.37 15.24 -16.37
N GLU A 130 13.50 14.92 -17.66
CA GLU A 130 13.69 13.52 -18.04
C GLU A 130 14.97 12.93 -17.44
N ASP A 131 15.95 13.82 -17.20
CA ASP A 131 17.26 13.46 -16.68
C ASP A 131 17.45 13.76 -15.21
N ILE A 132 16.35 13.98 -14.48
CA ILE A 132 16.47 14.20 -13.07
C ILE A 132 17.10 12.98 -12.39
N GLY A 133 17.88 13.20 -11.34
CA GLY A 133 18.45 12.06 -10.67
C GLY A 133 17.48 11.42 -9.72
N ALA A 134 17.70 10.16 -9.41
CA ALA A 134 16.92 9.52 -8.37
C ALA A 134 17.08 10.35 -7.07
N GLY A 135 16.01 10.46 -6.30
CA GLY A 135 16.00 11.24 -5.05
C GLY A 135 16.74 10.60 -3.92
N ASP A 136 17.13 9.34 -4.08
CA ASP A 136 17.88 8.60 -3.10
C ASP A 136 18.42 7.36 -3.78
N GLN A 137 19.37 6.69 -3.14
CA GLN A 137 19.69 5.35 -3.58
C GLN A 137 18.56 4.40 -3.09
N GLY A 138 18.59 3.15 -3.52
CA GLY A 138 17.73 2.12 -2.98
C GLY A 138 17.36 1.08 -3.99
N LEU A 139 16.64 0.07 -3.49
CA LEU A 139 16.20 -1.04 -4.32
C LEU A 139 14.70 -1.14 -4.18
N MET A 140 14.05 -1.65 -5.23
CA MET A 140 12.57 -1.72 -5.25
C MET A 140 12.19 -2.98 -6.02
N PHE A 141 11.07 -3.59 -5.63
CA PHE A 141 10.58 -4.77 -6.35
C PHE A 141 9.17 -4.59 -6.83
N GLY A 142 8.87 -5.25 -7.94
CA GLY A 142 7.53 -5.40 -8.48
C GLY A 142 7.20 -6.89 -8.51
N TYR A 143 5.92 -7.24 -8.36
CA TYR A 143 5.52 -8.64 -8.37
C TYR A 143 4.16 -8.71 -9.04
N ALA A 144 3.89 -9.85 -9.68
CA ALA A 144 2.57 -10.13 -10.24
C ALA A 144 2.41 -11.62 -10.31
N THR A 145 1.16 -12.07 -10.13
CA THR A 145 0.80 -13.48 -10.13
C THR A 145 -0.53 -13.63 -10.85
N ASP A 146 -0.66 -14.65 -11.68
CA ASP A 146 -1.91 -14.90 -12.44
C ASP A 146 -2.98 -15.57 -11.60
N GLU A 147 -2.79 -15.73 -10.28
CA GLU A 147 -3.79 -16.42 -9.45
C GLU A 147 -5.09 -15.66 -9.30
N THR A 148 -5.10 -14.33 -9.55
CA THR A 148 -6.30 -13.51 -9.58
C THR A 148 -6.26 -12.66 -10.84
N GLU A 149 -7.43 -12.20 -11.28
CA GLU A 149 -7.50 -11.35 -12.49
C GLU A 149 -6.66 -10.08 -12.33
N GLU A 150 -6.68 -9.50 -11.14
CA GLU A 150 -5.91 -8.28 -10.86
C GLU A 150 -4.44 -8.54 -10.67
N CYS A 151 -4.01 -9.79 -10.79
CA CYS A 151 -2.61 -10.19 -10.74
C CYS A 151 -1.96 -9.99 -9.37
N MET A 152 -2.78 -10.17 -8.33
CA MET A 152 -2.33 -10.07 -6.95
C MET A 152 -2.52 -11.38 -6.19
N PRO A 153 -1.76 -11.59 -5.12
CA PRO A 153 -1.96 -12.83 -4.31
C PRO A 153 -3.34 -12.82 -3.67
N LEU A 154 -4.02 -13.96 -3.71
CA LEU A 154 -5.35 -14.03 -3.12
C LEU A 154 -5.34 -13.73 -1.62
N THR A 155 -4.29 -14.18 -0.92
CA THR A 155 -4.21 -13.94 0.53
C THR A 155 -4.40 -12.46 0.88
N ILE A 156 -3.66 -11.58 0.21
CA ILE A 156 -3.73 -10.16 0.53
C ILE A 156 -4.98 -9.52 -0.02
N VAL A 157 -5.48 -9.96 -1.17
CA VAL A 157 -6.73 -9.41 -1.72
C VAL A 157 -7.85 -9.66 -0.72
N LEU A 158 -7.97 -10.89 -0.24
CA LEU A 158 -9.02 -11.19 0.72
C LEU A 158 -8.84 -10.41 2.01
N ALA A 159 -7.60 -10.32 2.51
CA ALA A 159 -7.36 -9.56 3.75
C ALA A 159 -7.78 -8.08 3.59
N HIS A 160 -7.44 -7.46 2.46
CA HIS A 160 -7.87 -6.08 2.23
C HIS A 160 -9.39 -5.97 2.17
N LYS A 161 -10.04 -6.87 1.44
CA LYS A 161 -11.50 -6.80 1.29
C LYS A 161 -12.21 -6.97 2.63
N LEU A 162 -11.66 -7.75 3.54
CA LEU A 162 -12.28 -7.90 4.85
C LEU A 162 -12.23 -6.56 5.61
N ASN A 163 -11.10 -5.81 5.55
CA ASN A 163 -11.08 -4.49 6.18
C ASN A 163 -12.02 -3.53 5.49
N ALA A 164 -12.12 -3.57 4.16
CA ALA A 164 -13.02 -2.67 3.45
C ALA A 164 -14.48 -2.96 3.85
N LYS A 165 -14.80 -4.24 4.02
CA LYS A 165 -16.16 -4.62 4.45
C LYS A 165 -16.50 -4.09 5.82
N LEU A 166 -15.55 -4.17 6.76
CA LEU A 166 -15.75 -3.59 8.08
C LEU A 166 -16.03 -2.09 7.97
N ALA A 167 -15.26 -1.37 7.18
CA ALA A 167 -15.48 0.09 7.07
C ALA A 167 -16.83 0.37 6.42
N GLU A 168 -17.26 -0.46 5.45
CA GLU A 168 -18.55 -0.30 4.78
C GLU A 168 -19.70 -0.47 5.78
N LEU A 169 -19.64 -1.50 6.63
CA LEU A 169 -20.69 -1.78 7.60
C LEU A 169 -20.69 -0.80 8.75
N ARG A 170 -19.53 -0.21 9.04
CA ARG A 170 -19.45 0.85 10.03
C ARG A 170 -20.14 2.10 9.43
N ARG A 171 -19.74 2.49 8.21
CA ARG A 171 -20.25 3.72 7.62
C ARG A 171 -21.71 3.67 7.25
N ASN A 172 -22.28 2.50 6.92
CA ASN A 172 -23.70 2.47 6.57
C ASN A 172 -24.58 2.19 7.80
N GLY A 173 -23.98 2.09 8.96
CA GLY A 173 -24.72 1.89 10.21
C GLY A 173 -25.25 0.50 10.48
N THR A 174 -24.84 -0.53 9.69
CA THR A 174 -25.22 -1.94 9.89
C THR A 174 -24.68 -2.43 11.25
N LEU A 175 -23.39 -2.13 11.53
CA LEU A 175 -22.73 -2.55 12.77
C LEU A 175 -22.20 -1.29 13.42
N PRO A 176 -23.10 -0.57 14.12
CA PRO A 176 -22.71 0.74 14.66
C PRO A 176 -21.70 0.68 15.80
N TRP A 177 -21.46 -0.52 16.36
CA TRP A 177 -20.48 -0.72 17.40
C TRP A 177 -19.03 -0.76 16.84
N LEU A 178 -18.88 -0.84 15.51
CA LEU A 178 -17.55 -0.85 14.92
C LEU A 178 -16.87 0.47 15.02
N ARG A 179 -15.55 0.42 15.23
CA ARG A 179 -14.73 1.61 15.26
CA ARG A 179 -14.68 1.61 15.23
C ARG A 179 -13.71 1.47 14.09
N PRO A 180 -12.96 2.55 13.73
CA PRO A 180 -12.12 2.50 12.52
C PRO A 180 -10.88 1.58 12.50
N ASP A 181 -10.33 1.26 13.67
CA ASP A 181 -9.11 0.49 13.77
C ASP A 181 -9.38 -1.01 13.62
N SER A 182 -8.80 -1.67 12.62
CA SER A 182 -9.02 -3.10 12.42
C SER A 182 -7.77 -3.71 11.80
N LYS A 183 -7.66 -5.02 11.98
CA LYS A 183 -6.63 -5.85 11.35
C LYS A 183 -7.26 -7.15 10.93
N THR A 184 -6.79 -7.68 9.77
CA THR A 184 -7.26 -8.97 9.28
C THR A 184 -6.08 -9.78 8.83
N GLN A 185 -6.27 -11.10 8.73
CA GLN A 185 -5.16 -11.94 8.31
C GLN A 185 -5.77 -13.20 7.70
N VAL A 186 -5.28 -13.57 6.51
CA VAL A 186 -5.84 -14.72 5.80
C VAL A 186 -4.72 -15.68 5.44
N THR A 187 -4.95 -16.96 5.79
CA THR A 187 -4.02 -18.04 5.44
C THR A 187 -4.77 -18.85 4.38
N VAL A 188 -4.12 -19.03 3.21
CA VAL A 188 -4.67 -19.85 2.12
C VAL A 188 -3.78 -21.06 1.97
N GLN A 189 -4.42 -22.20 1.68
CA GLN A 189 -3.74 -23.42 1.29
C GLN A 189 -3.69 -23.41 -0.24
N TYR A 190 -2.48 -23.49 -0.76
CA TYR A 190 -2.16 -23.46 -2.18
C TYR A 190 -1.63 -24.80 -2.64
N MET A 191 -1.73 -25.01 -3.96
CA MET A 191 -1.06 -26.09 -4.67
C MET A 191 0.02 -25.40 -5.54
N GLN A 192 1.20 -26.02 -5.63
CA GLN A 192 2.28 -25.59 -6.54
C GLN A 192 1.95 -26.20 -7.94
N ASP A 193 2.13 -25.41 -9.00
CA ASP A 193 1.89 -25.81 -10.38
C ASP A 193 2.97 -25.24 -11.31
N ARG A 194 4.09 -25.98 -11.51
CA ARG A 194 5.21 -25.60 -12.39
C ARG A 194 5.71 -24.17 -12.07
N GLY A 195 5.87 -23.90 -10.78
CA GLY A 195 6.32 -22.60 -10.32
C GLY A 195 5.20 -21.61 -10.04
N ALA A 196 3.99 -21.81 -10.59
CA ALA A 196 2.84 -20.94 -10.32
C ALA A 196 2.17 -21.46 -9.06
N VAL A 197 1.26 -20.65 -8.50
CA VAL A 197 0.55 -21.07 -7.29
C VAL A 197 -0.95 -21.03 -7.52
N LEU A 198 -1.65 -22.05 -7.01
CA LEU A 198 -3.07 -22.23 -7.23
C LEU A 198 -3.79 -22.28 -5.89
N PRO A 199 -4.64 -21.28 -5.60
CA PRO A 199 -5.38 -21.29 -4.32
C PRO A 199 -6.36 -22.45 -4.27
N ILE A 200 -6.41 -23.19 -3.15
CA ILE A 200 -7.34 -24.32 -2.94
C ILE A 200 -8.45 -23.88 -1.96
N ARG A 201 -8.09 -23.39 -0.76
CA ARG A 201 -9.09 -23.09 0.27
C ARG A 201 -8.46 -22.15 1.26
N VAL A 202 -9.34 -21.54 2.03
CA VAL A 202 -8.93 -20.66 3.13
C VAL A 202 -8.79 -21.53 4.36
N HIS A 203 -7.58 -21.56 4.91
CA HIS A 203 -7.25 -22.37 6.07
C HIS A 203 -7.59 -21.67 7.40
N THR A 204 -7.24 -20.37 7.53
CA THR A 204 -7.45 -19.63 8.77
C THR A 204 -7.73 -18.18 8.44
N ILE A 205 -8.67 -17.59 9.19
CA ILE A 205 -8.92 -16.14 9.11
C ILE A 205 -8.85 -15.54 10.51
N VAL A 206 -8.16 -14.42 10.62
CA VAL A 206 -8.13 -13.60 11.82
C VAL A 206 -8.81 -12.28 11.53
N ILE A 207 -9.69 -11.83 12.46
CA ILE A 207 -10.20 -10.46 12.40
C ILE A 207 -10.17 -9.90 13.80
N SER A 208 -9.53 -8.71 13.94
CA SER A 208 -9.58 -7.95 15.19
C SER A 208 -10.05 -6.56 14.86
N VAL A 209 -11.10 -6.08 15.54
CA VAL A 209 -11.59 -4.73 15.23
C VAL A 209 -12.01 -4.01 16.50
N GLN A 210 -11.65 -2.73 16.59
CA GLN A 210 -12.02 -1.89 17.71
C GLN A 210 -13.54 -1.77 17.77
N HIS A 211 -14.08 -1.72 19.01
CA HIS A 211 -15.52 -1.74 19.20
C HIS A 211 -15.95 -0.92 20.40
N ASP A 212 -17.24 -0.63 20.47
CA ASP A 212 -17.78 0.12 21.58
C ASP A 212 -17.89 -0.76 22.84
N GLU A 213 -18.14 -0.09 23.97
CA GLU A 213 -18.19 -0.68 25.31
C GLU A 213 -19.40 -1.54 25.56
N GLU A 214 -20.41 -1.40 24.72
CA GLU A 214 -21.68 -2.09 24.93
C GLU A 214 -21.83 -3.46 24.31
N VAL A 215 -21.26 -3.67 23.11
CA VAL A 215 -21.46 -4.91 22.38
C VAL A 215 -20.70 -6.06 23.03
N CYS A 216 -21.31 -7.24 23.07
CA CYS A 216 -20.65 -8.39 23.66
C CYS A 216 -19.90 -9.19 22.63
N LEU A 217 -18.95 -9.98 23.10
CA LEU A 217 -18.10 -10.81 22.29
C LEU A 217 -18.88 -11.74 21.36
N ASP A 218 -19.93 -12.42 21.84
CA ASP A 218 -20.65 -13.34 20.95
C ASP A 218 -21.34 -12.61 19.81
N GLU A 219 -21.92 -11.45 20.09
CA GLU A 219 -22.57 -10.70 19.03
C GLU A 219 -21.51 -10.29 17.98
N MET A 220 -20.33 -9.87 18.45
CA MET A 220 -19.29 -9.47 17.48
C MET A 220 -18.83 -10.67 16.66
N ARG A 221 -18.55 -11.82 17.31
CA ARG A 221 -18.04 -12.97 16.57
C ARG A 221 -19.04 -13.46 15.54
N ASP A 222 -20.32 -13.49 15.91
CA ASP A 222 -21.33 -13.92 14.96
C ASP A 222 -21.39 -12.95 13.77
N ALA A 223 -21.37 -11.63 14.03
CA ALA A 223 -21.41 -10.65 12.95
C ALA A 223 -20.18 -10.75 12.06
N LEU A 224 -18.99 -10.94 12.68
CA LEU A 224 -17.77 -11.03 11.86
C LEU A 224 -17.83 -12.24 10.94
N LYS A 225 -18.38 -13.35 11.38
CA LYS A 225 -18.46 -14.52 10.50
C LYS A 225 -19.54 -14.32 9.44
N GLU A 226 -20.75 -13.94 9.87
CA GLU A 226 -21.89 -13.91 8.95
C GLU A 226 -21.95 -12.71 8.04
N LYS A 227 -21.62 -11.53 8.58
CA LYS A 227 -21.79 -10.30 7.81
C LYS A 227 -20.51 -9.79 7.20
N VAL A 228 -19.36 -10.30 7.68
CA VAL A 228 -18.08 -9.84 7.14
C VAL A 228 -17.45 -10.96 6.31
N ILE A 229 -17.03 -12.05 6.95
CA ILE A 229 -16.37 -13.11 6.17
C ILE A 229 -17.25 -13.67 5.07
N LYS A 230 -18.50 -14.03 5.38
CA LYS A 230 -19.32 -14.61 4.32
C LYS A 230 -19.68 -13.65 3.24
N ALA A 231 -19.65 -12.35 3.53
CA ALA A 231 -19.95 -11.35 2.54
C ALA A 231 -18.74 -11.07 1.63
N VAL A 232 -17.52 -11.57 1.98
CA VAL A 232 -16.29 -11.33 1.24
C VAL A 232 -15.68 -12.57 0.60
N VAL A 233 -15.54 -13.64 1.38
CA VAL A 233 -14.82 -14.82 0.92
C VAL A 233 -15.81 -15.80 0.27
N PRO A 234 -15.53 -16.20 -0.97
CA PRO A 234 -16.39 -17.23 -1.63
C PRO A 234 -16.53 -18.49 -0.79
N ALA A 235 -17.77 -19.05 -0.71
CA ALA A 235 -18.05 -20.23 0.10
C ALA A 235 -17.18 -21.40 -0.34
N LYS A 236 -16.82 -21.46 -1.61
CA LYS A 236 -16.01 -22.57 -2.14
C LYS A 236 -14.67 -22.67 -1.44
N TYR A 237 -14.21 -21.56 -0.82
CA TYR A 237 -12.93 -21.56 -0.10
C TYR A 237 -13.06 -21.91 1.36
N LEU A 238 -14.30 -21.89 1.89
CA LEU A 238 -14.55 -22.12 3.31
C LEU A 238 -15.12 -23.49 3.54
N ASP A 239 -14.64 -24.21 4.54
CA ASP A 239 -15.20 -25.54 4.82
C ASP A 239 -15.25 -25.80 6.32
N GLU A 240 -15.60 -27.04 6.70
CA GLU A 240 -15.73 -27.43 8.09
C GLU A 240 -14.43 -27.33 8.89
N ASP A 241 -13.29 -27.35 8.20
CA ASP A 241 -11.96 -27.27 8.81
C ASP A 241 -11.41 -25.85 8.91
N THR A 242 -12.01 -24.87 8.21
CA THR A 242 -11.49 -23.49 8.27
C THR A 242 -11.49 -23.01 9.72
N ILE A 243 -10.37 -22.39 10.13
CA ILE A 243 -10.19 -21.91 11.49
C ILE A 243 -10.48 -20.42 11.53
N TYR A 244 -11.29 -20.02 12.48
CA TYR A 244 -11.67 -18.62 12.67
C TYR A 244 -11.18 -18.10 14.00
N HIS A 245 -10.38 -17.02 13.95
CA HIS A 245 -9.91 -16.31 15.13
C HIS A 245 -10.53 -14.92 15.06
N LEU A 246 -11.70 -14.77 15.68
CA LEU A 246 -12.51 -13.53 15.60
C LEU A 246 -12.51 -12.87 16.94
N GLN A 247 -11.99 -11.63 16.96
CA GLN A 247 -11.74 -10.91 18.21
C GLN A 247 -10.97 -11.83 19.17
N PRO A 248 -9.84 -12.42 18.72
CA PRO A 248 -9.11 -13.37 19.57
C PRO A 248 -8.54 -12.77 20.84
N SER A 249 -8.33 -11.44 20.90
CA SER A 249 -7.84 -10.84 22.14
C SER A 249 -8.95 -10.75 23.20
N GLY A 250 -10.19 -10.88 22.78
CA GLY A 250 -11.34 -10.82 23.70
C GLY A 250 -11.93 -9.46 23.93
N ARG A 251 -11.14 -8.38 23.81
CA ARG A 251 -11.60 -7.03 24.11
C ARG A 251 -10.71 -6.06 23.39
N PHE A 252 -11.33 -5.13 22.64
CA PHE A 252 -10.58 -4.14 21.85
C PHE A 252 -11.42 -2.84 21.84
N VAL A 253 -11.55 -2.23 23.00
CA VAL A 253 -12.25 -0.95 23.15
C VAL A 253 -11.27 0.19 22.92
N ILE A 254 -10.11 0.09 23.56
CA ILE A 254 -9.04 1.07 23.33
C ILE A 254 -8.42 0.75 21.98
N GLY A 255 -8.34 1.74 21.10
CA GLY A 255 -7.81 1.51 19.77
C GLY A 255 -7.31 2.78 19.15
N GLY A 256 -7.04 2.73 17.86
CA GLY A 256 -6.45 3.86 17.17
C GLY A 256 -5.13 4.25 17.83
N PRO A 257 -4.72 5.51 17.67
CA PRO A 257 -3.42 5.95 18.24
C PRO A 257 -3.34 5.82 19.75
N GLN A 258 -4.47 5.83 20.44
CA GLN A 258 -4.43 5.64 21.89
C GLN A 258 -3.94 4.23 22.26
N GLY A 259 -4.30 3.23 21.46
CA GLY A 259 -3.86 1.87 21.75
C GLY A 259 -2.45 1.54 21.29
N ASP A 260 -1.94 2.25 20.28
CA ASP A 260 -0.66 1.91 19.68
C ASP A 260 -0.17 3.09 18.87
N ALA A 261 1.07 3.55 19.11
CA ALA A 261 1.62 4.63 18.32
C ALA A 261 1.76 4.21 16.86
N GLY A 262 1.38 5.09 15.96
CA GLY A 262 1.51 4.84 14.54
C GLY A 262 2.54 5.75 13.92
N LEU A 263 3.14 5.28 12.82
CA LEU A 263 4.11 6.04 12.07
C LEU A 263 3.91 5.79 10.59
N THR A 264 4.23 6.76 9.75
CA THR A 264 4.22 6.56 8.30
C THR A 264 5.23 5.46 7.90
N GLY A 265 4.85 4.63 6.94
CA GLY A 265 5.80 3.67 6.38
C GLY A 265 6.10 2.47 7.22
N ARG A 266 5.15 2.07 8.05
CA ARG A 266 5.23 0.92 8.91
C ARG A 266 4.27 -0.21 8.50
N LYS A 267 3.69 -0.09 7.31
CA LYS A 267 2.81 -1.14 6.77
C LYS A 267 3.21 -1.40 5.32
N ILE A 268 4.51 -1.54 5.07
CA ILE A 268 4.99 -1.58 3.69
C ILE A 268 4.66 -2.88 2.97
N ILE A 269 4.40 -3.93 3.74
CA ILE A 269 4.05 -5.25 3.18
C ILE A 269 2.54 -5.30 2.92
N VAL A 270 1.73 -4.72 3.82
CA VAL A 270 0.30 -4.50 3.56
C VAL A 270 0.12 -3.63 2.33
N ASP A 271 1.04 -2.64 2.13
CA ASP A 271 0.92 -1.76 0.99
C ASP A 271 1.23 -2.42 -0.33
N THR A 272 1.92 -3.58 -0.28
CA THR A 272 2.46 -4.22 -1.49
C THR A 272 1.90 -5.62 -1.67
N TYR A 273 2.67 -6.67 -1.34
CA TYR A 273 2.30 -8.01 -1.77
C TYR A 273 2.06 -9.00 -0.65
N GLY A 274 1.95 -8.53 0.60
CA GLY A 274 1.54 -9.45 1.65
C GLY A 274 2.48 -10.59 2.00
N GLY A 275 3.77 -10.40 1.74
CA GLY A 275 4.78 -11.41 2.01
C GLY A 275 5.27 -12.10 0.77
N TRP A 276 4.47 -12.06 -0.32
CA TRP A 276 4.88 -12.64 -1.58
C TRP A 276 5.89 -11.71 -2.23
N GLY A 277 6.71 -12.26 -3.13
CA GLY A 277 7.67 -11.39 -3.80
C GLY A 277 8.71 -10.91 -2.81
N ALA A 278 9.06 -9.64 -2.83
CA ALA A 278 10.10 -9.10 -1.98
C ALA A 278 9.84 -7.63 -1.81
N HIS A 279 10.63 -6.99 -0.95
CA HIS A 279 10.50 -5.55 -0.74
C HIS A 279 11.90 -4.97 -0.55
N GLY A 280 12.08 -3.78 -1.09
CA GLY A 280 13.34 -3.05 -0.94
C GLY A 280 13.47 -2.21 0.32
N GLY A 281 12.37 -2.03 1.07
CA GLY A 281 12.38 -1.35 2.36
C GLY A 281 11.78 0.03 2.39
N GLY A 282 11.65 0.67 1.23
CA GLY A 282 11.16 2.05 1.20
C GLY A 282 9.67 2.18 1.39
N ALA A 283 9.27 3.20 2.11
CA ALA A 283 7.85 3.54 2.29
C ALA A 283 7.37 4.33 1.11
N PHE A 284 6.05 4.30 0.86
CA PHE A 284 5.49 5.04 -0.22
C PHE A 284 4.94 6.42 0.20
N SER A 285 4.15 6.45 1.30
CA SER A 285 3.34 7.63 1.58
C SER A 285 4.16 8.85 1.98
N GLY A 286 3.66 10.00 1.56
CA GLY A 286 4.27 11.28 1.90
C GLY A 286 5.42 11.70 1.00
N LYS A 287 5.62 11.01 -0.14
CA LYS A 287 6.77 11.23 -1.01
C LYS A 287 6.33 11.56 -2.43
N ASP A 288 6.94 12.59 -3.03
CA ASP A 288 6.73 12.93 -4.43
C ASP A 288 7.52 11.95 -5.35
N TYR A 289 7.31 12.09 -6.67
CA TYR A 289 7.84 11.14 -7.64
C TYR A 289 9.35 11.00 -7.65
N THR A 290 10.08 12.05 -7.24
CA THR A 290 11.54 11.94 -7.26
C THR A 290 12.06 10.94 -6.27
N LYS A 291 11.24 10.55 -5.27
CA LYS A 291 11.61 9.54 -4.32
C LYS A 291 11.25 8.20 -4.97
N VAL A 292 12.27 7.57 -5.55
CA VAL A 292 12.13 6.30 -6.26
C VAL A 292 11.59 5.17 -5.40
N ASP A 293 11.65 5.29 -4.06
CA ASP A 293 11.01 4.30 -3.21
C ASP A 293 9.58 4.09 -3.65
N ARG A 294 8.91 5.16 -4.08
CA ARG A 294 7.53 5.05 -4.55
C ARG A 294 7.46 4.88 -6.07
N SER A 295 7.97 5.84 -6.83
CA SER A 295 7.80 5.82 -8.26
C SER A 295 8.39 4.57 -8.92
N ALA A 296 9.57 4.12 -8.47
CA ALA A 296 10.15 2.93 -9.10
C ALA A 296 9.46 1.67 -8.65
N ALA A 297 8.90 1.61 -7.43
CA ALA A 297 8.09 0.47 -7.03
C ALA A 297 6.81 0.42 -7.85
N TYR A 298 6.19 1.55 -8.13
CA TYR A 298 5.01 1.54 -8.99
C TYR A 298 5.39 1.09 -10.39
N ALA A 299 6.49 1.59 -10.93
CA ALA A 299 6.93 1.15 -12.26
C ALA A 299 7.30 -0.32 -12.28
N ALA A 300 7.91 -0.85 -11.19
CA ALA A 300 8.25 -2.26 -11.18
C ALA A 300 6.99 -3.14 -11.13
N ARG A 301 5.95 -2.68 -10.42
CA ARG A 301 4.68 -3.38 -10.45
C ARG A 301 4.12 -3.40 -11.88
N TRP A 302 4.18 -2.25 -12.56
CA TRP A 302 3.72 -2.08 -13.92
C TRP A 302 4.44 -3.05 -14.86
N VAL A 303 5.77 -3.18 -14.71
CA VAL A 303 6.53 -4.14 -15.51
C VAL A 303 6.05 -5.58 -15.21
N ALA A 304 6.00 -5.97 -13.94
CA ALA A 304 5.62 -7.32 -13.55
C ALA A 304 4.24 -7.66 -14.07
N LYS A 305 3.28 -6.75 -13.88
CA LYS A 305 1.92 -7.01 -14.38
C LYS A 305 1.88 -7.08 -15.88
N SER A 306 2.68 -6.26 -16.58
CA SER A 306 2.76 -6.32 -18.05
C SER A 306 3.29 -7.65 -18.54
N LEU A 307 4.27 -8.23 -17.82
CA LEU A 307 4.84 -9.53 -18.20
C LEU A 307 3.80 -10.63 -18.01
N VAL A 308 3.03 -10.60 -16.92
CA VAL A 308 2.03 -11.64 -16.68
C VAL A 308 0.85 -11.48 -17.62
N LYS A 309 0.29 -10.28 -17.76
CA LYS A 309 -0.84 -10.06 -18.67
C LYS A 309 -0.45 -10.24 -20.13
N GLY A 310 0.83 -10.08 -20.44
CA GLY A 310 1.37 -10.30 -21.78
C GLY A 310 1.59 -11.77 -22.09
N GLY A 311 1.31 -12.65 -21.13
CA GLY A 311 1.44 -14.10 -21.30
C GLY A 311 2.86 -14.63 -21.28
N LEU A 312 3.82 -13.83 -20.79
CA LEU A 312 5.20 -14.25 -20.74
C LEU A 312 5.57 -15.06 -19.52
N CYS A 313 4.82 -14.93 -18.43
CA CYS A 313 5.07 -15.76 -17.29
CA CYS A 313 5.09 -15.51 -17.08
C CYS A 313 3.78 -15.81 -16.48
N ARG A 314 3.73 -16.75 -15.54
CA ARG A 314 2.56 -16.90 -14.67
C ARG A 314 2.74 -16.07 -13.40
N ARG A 315 3.98 -15.96 -12.92
CA ARG A 315 4.30 -15.09 -11.79
C ARG A 315 5.71 -14.62 -11.96
N VAL A 316 6.00 -13.42 -11.43
CA VAL A 316 7.31 -12.83 -11.67
C VAL A 316 7.62 -11.78 -10.64
N LEU A 317 8.91 -11.71 -10.30
CA LEU A 317 9.50 -10.72 -9.41
C LEU A 317 10.50 -9.90 -10.23
N VAL A 318 10.43 -8.57 -10.12
CA VAL A 318 11.31 -7.61 -10.81
C VAL A 318 12.02 -6.79 -9.75
N GLN A 319 13.36 -6.65 -9.82
CA GLN A 319 14.09 -5.77 -8.95
C GLN A 319 14.68 -4.65 -9.80
N VAL A 320 14.70 -3.44 -9.26
CA VAL A 320 15.37 -2.27 -9.83
CA VAL A 320 15.39 -2.29 -9.85
C VAL A 320 16.15 -1.61 -8.71
N SER A 321 17.20 -0.86 -9.03
CA SER A 321 17.92 -0.10 -8.00
C SER A 321 18.47 1.17 -8.58
N TYR A 322 18.80 2.13 -7.69
CA TYR A 322 19.25 3.45 -8.05
C TYR A 322 20.35 3.96 -7.14
N ALA A 323 21.06 5.00 -7.63
CA ALA A 323 21.96 5.78 -6.78
C ALA A 323 21.41 7.21 -6.71
N ILE A 324 21.52 7.87 -5.55
CA ILE A 324 21.07 9.26 -5.49
C ILE A 324 21.78 10.11 -6.54
N GLY A 325 21.02 10.94 -7.24
CA GLY A 325 21.58 11.85 -8.24
C GLY A 325 21.81 11.25 -9.61
N VAL A 326 21.55 9.95 -9.79
CA VAL A 326 21.78 9.24 -11.05
C VAL A 326 20.42 8.86 -11.62
N SER A 327 20.18 9.19 -12.87
N SER A 327 20.19 9.18 -12.89
CA SER A 327 18.86 8.94 -13.47
CA SER A 327 18.89 8.93 -13.52
C SER A 327 18.59 7.47 -13.83
C SER A 327 18.61 7.47 -13.83
N HIS A 328 19.51 6.82 -14.59
CA HIS A 328 19.28 5.44 -14.97
C HIS A 328 19.41 4.48 -13.80
N PRO A 329 18.57 3.44 -13.75
CA PRO A 329 18.76 2.42 -12.71
C PRO A 329 20.15 1.81 -12.81
N LEU A 330 20.66 1.40 -11.68
CA LEU A 330 21.96 0.72 -11.61
C LEU A 330 21.84 -0.73 -11.99
N SER A 331 20.67 -1.35 -11.76
CA SER A 331 20.47 -2.76 -12.03
C SER A 331 19.00 -2.98 -12.26
N ILE A 332 18.68 -3.99 -13.07
CA ILE A 332 17.34 -4.52 -13.28
C ILE A 332 17.46 -6.03 -13.32
N SER A 333 16.57 -6.76 -12.62
CA SER A 333 16.63 -8.21 -12.57
C SER A 333 15.26 -8.81 -12.58
N ILE A 334 15.15 -10.03 -13.11
CA ILE A 334 13.88 -10.74 -13.27
C ILE A 334 13.99 -12.14 -12.69
N PHE A 335 13.01 -12.54 -11.88
CA PHE A 335 12.93 -13.90 -11.37
C PHE A 335 11.54 -14.40 -11.73
N HIS A 336 11.44 -15.41 -12.62
CA HIS A 336 10.13 -15.87 -13.08
C HIS A 336 9.63 -17.15 -12.42
N TYR A 337 10.32 -17.65 -11.39
CA TYR A 337 9.91 -18.80 -10.58
C TYR A 337 9.77 -20.09 -11.44
N GLY A 338 10.34 -20.09 -12.63
CA GLY A 338 10.23 -21.23 -13.56
C GLY A 338 8.92 -21.22 -14.33
N THR A 339 8.20 -20.08 -14.41
CA THR A 339 6.88 -20.00 -15.04
C THR A 339 6.87 -19.40 -16.43
N SER A 340 8.02 -19.36 -17.09
CA SER A 340 8.11 -18.90 -18.47
C SER A 340 8.88 -19.92 -19.28
N GLN A 341 8.58 -20.00 -20.59
CA GLN A 341 9.43 -20.80 -21.47
C GLN A 341 10.71 -20.00 -21.75
N LYS A 342 10.63 -18.64 -21.72
CA LYS A 342 11.76 -17.77 -21.95
C LYS A 342 12.64 -17.73 -20.73
N SER A 343 13.93 -17.59 -20.95
CA SER A 343 14.85 -17.43 -19.84
C SER A 343 14.65 -16.05 -19.21
N GLU A 344 15.13 -15.90 -17.98
CA GLU A 344 15.08 -14.62 -17.30
C GLU A 344 15.92 -13.59 -18.09
N ARG A 345 17.03 -14.02 -18.74
CA ARG A 345 17.84 -13.14 -19.58
C ARG A 345 17.01 -12.59 -20.72
N GLU A 346 16.21 -13.45 -21.38
CA GLU A 346 15.32 -13.00 -22.46
CA GLU A 346 15.35 -12.97 -22.46
C GLU A 346 14.24 -12.03 -21.95
N LEU A 347 13.63 -12.35 -20.80
CA LEU A 347 12.62 -11.44 -20.24
C LEU A 347 13.26 -10.08 -19.90
N LEU A 348 14.49 -10.09 -19.37
CA LEU A 348 15.14 -8.83 -19.06
C LEU A 348 15.37 -8.00 -20.32
N GLU A 349 15.77 -8.63 -21.43
CA GLU A 349 15.92 -7.90 -22.68
C GLU A 349 14.59 -7.30 -23.14
N ILE A 350 13.49 -8.05 -23.01
CA ILE A 350 12.16 -7.53 -23.36
C ILE A 350 11.84 -6.30 -22.48
N VAL A 351 12.14 -6.40 -21.18
CA VAL A 351 11.87 -5.27 -20.28
C VAL A 351 12.69 -4.05 -20.72
N LYS A 352 13.98 -4.25 -21.01
CA LYS A 352 14.83 -3.13 -21.40
C LYS A 352 14.41 -2.52 -22.73
N LYS A 353 13.81 -3.30 -23.63
CA LYS A 353 13.34 -2.76 -24.90
C LYS A 353 12.02 -2.00 -24.77
N ASN A 354 11.26 -2.28 -23.70
CA ASN A 354 9.91 -1.72 -23.56
C ASN A 354 9.73 -0.68 -22.47
N PHE A 355 10.65 -0.60 -21.52
CA PHE A 355 10.50 0.32 -20.41
C PHE A 355 11.71 1.18 -20.22
N ASP A 356 11.51 2.40 -19.75
CA ASP A 356 12.58 3.33 -19.36
C ASP A 356 12.28 3.72 -17.91
N LEU A 357 13.06 3.19 -16.98
CA LEU A 357 12.81 3.36 -15.57
C LEU A 357 13.60 4.51 -14.94
N ARG A 358 13.94 5.52 -15.75
CA ARG A 358 14.45 6.75 -15.17
C ARG A 358 13.25 7.42 -14.46
N PRO A 359 13.45 8.04 -13.28
CA PRO A 359 12.31 8.69 -12.61
C PRO A 359 11.64 9.78 -13.42
N GLY A 360 12.44 10.50 -14.23
CA GLY A 360 11.92 11.57 -15.08
C GLY A 360 11.12 11.06 -16.27
N VAL A 361 11.15 9.75 -16.52
CA VAL A 361 10.30 9.14 -17.54
C VAL A 361 9.11 8.48 -16.87
N ILE A 362 9.34 7.77 -15.78
CA ILE A 362 8.25 7.16 -15.02
C ILE A 362 7.18 8.20 -14.68
N VAL A 363 7.61 9.41 -14.27
CA VAL A 363 6.64 10.43 -13.90
C VAL A 363 5.65 10.72 -15.03
N ARG A 364 6.14 10.72 -16.28
CA ARG A 364 5.30 10.99 -17.43
C ARG A 364 4.41 9.78 -17.71
N ASP A 365 4.98 8.59 -17.76
CA ASP A 365 4.24 7.36 -18.07
C ASP A 365 3.15 7.07 -17.06
N LEU A 366 3.42 7.34 -15.77
CA LEU A 366 2.48 6.99 -14.71
C LEU A 366 1.73 8.21 -14.14
N ASP A 367 1.96 9.40 -14.73
CA ASP A 367 1.27 10.64 -14.36
C ASP A 367 1.39 10.93 -12.87
N LEU A 368 2.64 10.90 -12.38
CA LEU A 368 2.90 10.91 -10.95
C LEU A 368 2.88 12.30 -10.29
N LYS A 369 2.54 13.35 -11.05
CA LYS A 369 2.34 14.64 -10.40
C LYS A 369 0.86 14.80 -10.03
N LYS A 370 -0.01 13.86 -10.42
CA LYS A 370 -1.43 13.97 -10.12
C LYS A 370 -1.69 13.69 -8.65
N PRO A 371 -2.57 14.51 -8.01
CA PRO A 371 -2.84 14.35 -6.58
C PRO A 371 -3.84 13.22 -6.29
N ILE A 372 -3.45 11.97 -6.56
CA ILE A 372 -4.34 10.82 -6.27
C ILE A 372 -3.73 9.95 -5.18
N TYR A 373 -2.77 10.47 -4.46
CA TYR A 373 -2.05 9.61 -3.55
C TYR A 373 -2.80 9.20 -2.28
N GLN A 374 -3.63 10.08 -1.74
CA GLN A 374 -4.38 9.65 -0.54
C GLN A 374 -5.24 8.41 -0.84
N ARG A 375 -5.72 8.29 -2.10
CA ARG A 375 -6.49 7.09 -2.49
C ARG A 375 -5.68 5.80 -2.41
N THR A 376 -4.34 5.87 -2.53
CA THR A 376 -3.48 4.67 -2.47
C THR A 376 -3.14 4.21 -1.05
N ALA A 377 -3.36 5.09 -0.04
CA ALA A 377 -2.80 4.91 1.28
C ALA A 377 -3.53 3.96 2.23
N ALA A 378 -4.62 3.33 1.77
CA ALA A 378 -5.24 2.21 2.51
C ALA A 378 -5.67 1.18 1.49
N TYR A 379 -5.73 -0.09 1.92
CA TYR A 379 -6.19 -1.21 1.08
C TYR A 379 -5.20 -1.61 -0.02
N GLY A 380 -3.94 -1.21 0.14
CA GLY A 380 -2.88 -1.59 -0.80
C GLY A 380 -2.74 -0.63 -1.97
N HIS A 381 -1.52 -0.50 -2.49
CA HIS A 381 -1.28 0.38 -3.63
C HIS A 381 -1.50 -0.29 -4.97
N PHE A 382 -1.61 -1.62 -4.95
CA PHE A 382 -1.67 -2.44 -6.15
C PHE A 382 -2.94 -3.27 -6.23
N GLY A 383 -3.31 -3.63 -7.46
CA GLY A 383 -4.44 -4.51 -7.72
C GLY A 383 -5.81 -3.91 -7.60
N ARG A 384 -5.88 -2.58 -7.58
CA ARG A 384 -7.16 -1.86 -7.40
C ARG A 384 -7.23 -0.67 -8.34
N ASP A 385 -8.44 -0.30 -8.73
CA ASP A 385 -8.83 0.98 -9.33
C ASP A 385 -8.22 1.44 -10.65
N SER A 386 -7.53 0.56 -11.33
CA SER A 386 -6.91 0.83 -12.64
C SER A 386 -6.08 2.11 -12.67
N PHE A 387 -5.23 2.28 -11.62
CA PHE A 387 -4.23 3.35 -11.58
C PHE A 387 -3.30 3.09 -12.76
N PRO A 388 -2.47 4.08 -13.21
CA PRO A 388 -1.67 3.84 -14.41
C PRO A 388 -0.73 2.62 -14.35
N TRP A 389 -0.19 2.33 -13.15
CA TRP A 389 0.71 1.19 -12.96
C TRP A 389 -0.01 -0.15 -12.99
N GLU A 390 -1.35 -0.12 -13.04
CA GLU A 390 -2.17 -1.32 -13.10
C GLU A 390 -2.67 -1.58 -14.51
N VAL A 391 -2.37 -0.70 -15.47
CA VAL A 391 -2.81 -0.87 -16.85
C VAL A 391 -1.64 -1.45 -17.60
N PRO A 392 -1.66 -2.73 -18.01
CA PRO A 392 -0.46 -3.32 -18.63
C PRO A 392 0.00 -2.58 -19.89
N LYS A 393 1.29 -2.55 -20.11
CA LYS A 393 1.84 -2.01 -21.34
C LYS A 393 1.88 -3.17 -22.35
N LYS A 394 1.47 -2.90 -23.60
CA LYS A 394 1.54 -3.87 -24.70
C LYS A 394 3.02 -3.98 -25.10
N LEU A 395 3.57 -5.18 -24.97
CA LEU A 395 4.99 -5.40 -25.18
C LEU A 395 5.36 -5.73 -26.61
N LYS A 396 6.46 -5.13 -27.10
CA LYS A 396 6.98 -5.37 -28.44
C LYS A 396 8.30 -6.12 -28.32
N TYR A 397 8.40 -7.27 -29.02
CA TYR A 397 9.57 -8.16 -29.02
C TYR A 397 9.49 -9.14 -30.20
#